data_1GI7
#
_entry.id   1GI7
#
_cell.length_a   82.35
_cell.length_b   49.79
_cell.length_c   66.12
_cell.angle_alpha   90.0
_cell.angle_beta   113.23
_cell.angle_gamma   90.0
#
_symmetry.space_group_name_H-M   'C 1 2 1'
#
loop_
_entity.id
_entity.type
_entity.pdbx_description
1 polymer 'UROKINASE-TYPE PLASMINOGEN ACTIVATOR'
2 polymer 'UROKINASE-TYPE PLASMINOGEN ACTIVATOR'
3 non-polymer 2-(2-OXO-1,2-DIHYDRO-PYRIDIN-3-YL)-1H-BENZOIMIDAZOLE-5-CARBOXAMIDINE
4 non-polymer 'CITRIC ACID'
5 water water
#
loop_
_entity_poly.entity_id
_entity_poly.type
_entity_poly.pdbx_seq_one_letter_code
_entity_poly.pdbx_strand_id
1 'polypeptide(L)' KPSSPPEELKFQCGQKTLRPRFK A
2 'polypeptide(L)'
;IIGGEFTTIENQPWFAAIYRRHRGGSVTYVCGGSLMSPCWVISATHCFIDYPKKEDYIVYLGRSRLNSNTQGEMKFEVEN
LILHKDYSADTLAHHNDIALLKIRSKEGRCAQPSRTIQTICLPSMYNDPQFGTSCEITGFGKEASTDYLYPEQLKMTVVK
LISHRECQQPHYYGSEVTTKMLCAADPQWKTDSCQGDSGGPLVCSLQGRMTLTGIVSWGRGCALKDKPGVYTRVSHFLPW
IRSHT
;
B
#
loop_
_chem_comp.id
_chem_comp.type
_chem_comp.name
_chem_comp.formula
120 non-polymer 2-(2-OXO-1,2-DIHYDRO-PYRIDIN-3-YL)-1H-BENZOIMIDAZOLE-5-CARBOXAMIDINE 'C13 H12 N5 O 1'
CIT non-polymer 'CITRIC ACID' 'C6 H8 O7'
#
# COMPACT_ATOMS: atom_id res chain seq x y z
N LEU A 9 3.13 3.18 -23.83
CA LEU A 9 2.86 4.51 -24.42
C LEU A 9 2.23 5.42 -23.35
N LYS A 10 0.94 5.30 -23.10
CA LYS A 10 0.31 6.18 -22.07
C LYS A 10 -0.29 5.25 -21.00
N PHE A 11 -0.62 5.86 -19.90
CA PHE A 11 -1.19 5.11 -18.77
C PHE A 11 -2.71 5.00 -18.94
N GLN A 12 -3.25 3.99 -18.31
CA GLN A 12 -4.71 3.67 -18.30
C GLN A 12 -4.80 3.00 -16.94
N CYS A 13 -5.06 3.79 -15.95
CA CYS A 13 -5.15 3.24 -14.59
C CYS A 13 -5.96 1.96 -14.52
N GLY A 14 -5.50 1.03 -13.73
CA GLY A 14 -6.26 -0.26 -13.60
C GLY A 14 -5.96 -1.34 -14.61
N GLN A 15 -5.49 -0.95 -15.77
CA GLN A 15 -5.19 -1.96 -16.84
C GLN A 15 -3.90 -2.75 -16.66
N LYS A 16 -4.08 -4.04 -16.61
CA LYS A 16 -2.92 -4.95 -16.45
C LYS A 16 -2.54 -5.51 -17.85
N THR A 17 -3.33 -5.37 -18.88
CA THR A 17 -2.95 -5.92 -20.23
C THR A 17 -3.78 -5.12 -21.28
N ILE B 1 2.73 -10.89 3.51
CA ILE B 1 1.34 -11.36 3.30
C ILE B 1 1.37 -12.75 3.90
N ILE B 2 0.33 -13.09 4.62
CA ILE B 2 0.27 -14.43 5.25
C ILE B 2 -0.63 -15.13 4.22
N GLY B 3 -0.21 -16.26 3.74
CA GLY B 3 -1.01 -16.99 2.74
C GLY B 3 -0.80 -16.25 1.45
N GLY B 4 -1.72 -16.42 0.55
CA GLY B 4 -1.60 -15.72 -0.75
C GLY B 4 -0.80 -16.60 -1.68
N GLU B 5 -0.45 -16.03 -2.79
CA GLU B 5 0.34 -16.76 -3.80
C GLU B 5 1.52 -15.84 -4.15
N PHE B 6 2.54 -16.44 -4.72
CA PHE B 6 3.74 -15.64 -5.13
C PHE B 6 3.26 -15.12 -6.48
N THR B 7 3.71 -13.96 -6.86
CA THR B 7 3.29 -13.39 -8.15
C THR B 7 4.47 -12.61 -8.79
N THR B 8 4.16 -11.85 -9.81
CA THR B 8 5.16 -11.04 -10.53
C THR B 8 4.49 -9.67 -10.66
N ILE B 9 5.29 -8.66 -10.80
CA ILE B 9 4.78 -7.29 -10.93
C ILE B 9 3.73 -7.14 -12.06
N GLU B 10 3.82 -7.91 -13.11
CA GLU B 10 2.81 -7.78 -14.24
C GLU B 10 1.39 -7.87 -13.69
N ASN B 11 1.25 -8.51 -12.57
CA ASN B 11 -0.08 -8.69 -11.93
C ASN B 11 -0.49 -7.57 -11.03
N GLN B 12 0.46 -6.73 -10.71
CA GLN B 12 0.25 -5.54 -9.83
C GLN B 12 1.11 -4.37 -10.30
N PRO B 13 0.98 -3.96 -11.53
CA PRO B 13 2.01 -3.10 -12.17
C PRO B 13 2.09 -1.71 -11.53
N TRP B 14 1.21 -1.41 -10.61
CA TRP B 14 1.20 -0.08 -9.92
C TRP B 14 1.83 -0.17 -8.54
N PHE B 15 2.36 -1.31 -8.20
CA PHE B 15 2.99 -1.47 -6.85
C PHE B 15 4.42 -0.85 -6.87
N ALA B 16 4.72 -0.09 -5.85
CA ALA B 16 6.03 0.61 -5.71
C ALA B 16 6.65 0.08 -4.45
N ALA B 17 7.93 -0.15 -4.53
CA ALA B 17 8.76 -0.69 -3.40
C ALA B 17 9.60 0.50 -2.98
N ILE B 18 9.57 0.78 -1.71
CA ILE B 18 10.32 1.91 -1.16
C ILE B 18 11.40 1.35 -0.22
N TYR B 19 12.61 1.81 -0.41
CA TYR B 19 13.78 1.36 0.42
C TYR B 19 14.46 2.58 1.05
N ARG B 20 15.31 2.33 2.00
CA ARG B 20 16.05 3.40 2.71
C ARG B 20 17.52 3.00 2.62
N ARG B 21 18.36 3.97 2.48
CA ARG B 21 19.83 3.74 2.38
C ARG B 21 20.43 4.12 3.71
N HIS B 22 21.54 3.50 3.99
CA HIS B 22 22.30 3.74 5.24
C HIS B 22 23.60 3.70 4.44
N ARG B 23 24.13 4.81 3.99
CA ARG B 23 25.42 4.83 3.19
C ARG B 23 26.40 3.69 3.51
N GLY B 24 26.34 3.18 4.72
CA GLY B 24 27.22 2.06 5.18
C GLY B 24 27.39 1.09 4.00
N GLY B 25 26.37 1.01 3.18
CA GLY B 25 26.38 0.13 1.99
C GLY B 25 25.07 -0.62 1.79
N SER B 26 24.20 -0.59 2.76
CA SER B 26 22.92 -1.32 2.61
C SER B 26 21.70 -0.46 2.35
N VAL B 27 20.75 -1.06 1.69
CA VAL B 27 19.49 -0.38 1.36
C VAL B 27 18.54 -1.43 1.98
N THR B 28 17.65 -1.01 2.82
CA THR B 28 16.71 -1.99 3.45
C THR B 28 15.31 -1.58 3.00
N TYR B 29 14.45 -2.54 2.86
CA TYR B 29 13.06 -2.25 2.42
C TYR B 29 12.36 -1.54 3.56
N VAL B 30 11.48 -0.65 3.20
CA VAL B 30 10.73 0.10 4.23
C VAL B 30 9.25 -0.32 4.15
N CYS B 31 8.61 0.07 3.08
CA CYS B 31 7.16 -0.22 2.85
C CYS B 31 6.89 -0.21 1.34
N GLY B 32 5.65 -0.46 1.02
CA GLY B 32 5.22 -0.47 -0.39
C GLY B 32 4.42 0.80 -0.63
N GLY B 33 4.04 1.01 -1.86
CA GLY B 33 3.25 2.20 -2.25
C GLY B 33 2.52 1.84 -3.55
N SER B 34 1.82 2.77 -4.10
CA SER B 34 1.06 2.56 -5.36
C SER B 34 1.27 3.79 -6.25
N LEU B 35 1.31 3.58 -7.54
CA LEU B 35 1.51 4.73 -8.47
C LEU B 35 0.13 5.34 -8.78
N MET B 36 -0.04 6.62 -8.53
CA MET B 36 -1.33 7.37 -8.77
C MET B 36 -1.33 8.01 -10.14
N SER B 37 -0.22 8.64 -10.41
CA SER B 37 -0.01 9.32 -11.69
C SER B 37 1.50 9.21 -11.93
N PRO B 38 1.97 9.59 -13.09
CA PRO B 38 3.38 9.36 -13.49
C PRO B 38 4.42 9.74 -12.45
N CYS B 39 4.15 10.83 -11.78
CA CYS B 39 5.11 11.32 -10.75
C CYS B 39 4.70 11.12 -9.32
N TRP B 40 3.54 10.60 -9.07
CA TRP B 40 3.13 10.44 -7.64
C TRP B 40 2.84 9.04 -7.13
N VAL B 41 3.44 8.72 -6.01
CA VAL B 41 3.24 7.40 -5.37
C VAL B 41 2.53 7.73 -4.02
N ILE B 42 1.62 6.89 -3.62
CA ILE B 42 0.89 7.12 -2.35
C ILE B 42 1.26 5.91 -1.47
N SER B 43 1.45 6.16 -0.20
CA SER B 43 1.83 5.10 0.80
C SER B 43 1.21 5.59 2.14
N ALA B 44 1.80 5.16 3.23
CA ALA B 44 1.35 5.52 4.62
C ALA B 44 2.35 6.38 5.38
N THR B 45 1.90 7.41 6.02
CA THR B 45 2.82 8.29 6.80
C THR B 45 3.68 7.58 7.87
N HIS B 46 3.12 6.57 8.49
CA HIS B 46 3.90 5.85 9.55
C HIS B 46 5.15 5.20 9.03
N CYS B 47 5.22 5.04 7.75
CA CYS B 47 6.43 4.41 7.17
C CYS B 47 7.62 5.38 7.20
N PHE B 48 7.32 6.67 7.13
CA PHE B 48 8.39 7.74 7.11
C PHE B 48 8.55 8.57 8.37
N ILE B 49 7.49 8.72 9.11
CA ILE B 49 7.54 9.53 10.37
C ILE B 49 8.82 9.47 11.19
N ASP B 50 9.37 8.30 11.29
CA ASP B 50 10.63 8.13 12.08
C ASP B 50 11.91 8.53 11.41
N TYR B 51 11.90 8.68 10.12
CA TYR B 51 13.15 9.09 9.43
C TYR B 51 12.71 9.92 8.22
N PRO B 52 12.10 11.06 8.46
CA PRO B 52 11.61 11.96 7.38
C PRO B 52 12.76 12.70 6.68
N LYS B 53 13.66 11.95 6.10
CA LYS B 53 14.83 12.51 5.38
C LYS B 53 14.62 11.95 3.98
N LYS B 54 13.88 12.65 3.18
CA LYS B 54 13.59 12.18 1.80
C LYS B 54 14.81 11.68 1.05
N GLU B 55 15.87 12.43 1.17
CA GLU B 55 17.15 12.07 0.49
C GLU B 55 17.64 10.65 0.76
N ASP B 56 17.13 9.98 1.75
CA ASP B 56 17.66 8.60 1.99
C ASP B 56 16.75 7.52 1.48
N TYR B 57 15.69 7.85 0.79
CA TYR B 57 14.78 6.75 0.28
C TYR B 57 14.91 6.59 -1.23
N ILE B 58 14.68 5.39 -1.67
CA ILE B 58 14.76 5.04 -3.13
C ILE B 58 13.42 4.38 -3.43
N VAL B 59 12.85 4.60 -4.57
CA VAL B 59 11.55 3.96 -4.87
C VAL B 59 11.82 3.21 -6.16
N TYR B 60 11.24 2.04 -6.29
CA TYR B 60 11.44 1.26 -7.52
C TYR B 60 10.05 0.87 -8.01
N LEU B 61 9.96 0.84 -9.30
CA LEU B 61 8.71 0.47 -10.02
C LEU B 61 9.18 -0.71 -10.91
N GLY B 62 8.31 -1.59 -11.26
CA GLY B 62 8.62 -2.77 -12.11
C GLY B 62 9.48 -3.80 -11.40
N ARG B 63 9.27 -3.96 -10.13
CA ARG B 63 10.06 -4.91 -9.31
C ARG B 63 9.26 -6.14 -8.82
N SER B 64 9.69 -7.32 -9.19
CA SER B 64 8.99 -8.58 -8.76
C SER B 64 9.75 -9.18 -7.56
N ARG B 65 11.01 -8.83 -7.42
CA ARG B 65 11.82 -9.37 -6.28
C ARG B 65 12.30 -8.24 -5.38
N LEU B 66 12.44 -8.55 -4.13
CA LEU B 66 12.89 -7.59 -3.10
C LEU B 66 14.33 -7.08 -3.17
N ASN B 67 15.28 -7.98 -3.23
CA ASN B 67 16.73 -7.56 -3.28
C ASN B 67 17.48 -7.93 -4.55
N SER B 68 16.80 -8.39 -5.56
CA SER B 68 17.51 -8.75 -6.82
C SER B 68 16.83 -7.86 -7.84
N ASN B 69 17.40 -7.72 -9.00
CA ASN B 69 16.76 -6.84 -10.03
C ASN B 69 15.78 -7.61 -10.90
N THR B 70 14.87 -6.88 -11.48
CA THR B 70 13.82 -7.43 -12.37
C THR B 70 14.08 -6.62 -13.65
N GLN B 71 14.01 -7.25 -14.78
CA GLN B 71 14.27 -6.45 -16.00
C GLN B 71 13.01 -5.57 -16.18
N GLY B 72 13.25 -4.33 -16.48
CA GLY B 72 12.13 -3.36 -16.68
C GLY B 72 11.93 -2.48 -15.47
N GLU B 73 12.70 -2.66 -14.43
CA GLU B 73 12.45 -1.78 -13.25
C GLU B 73 12.98 -0.33 -13.43
N MET B 74 12.41 0.59 -12.70
CA MET B 74 12.83 2.03 -12.77
C MET B 74 13.15 2.43 -11.34
N LYS B 75 14.20 3.17 -11.18
CA LYS B 75 14.66 3.63 -9.84
C LYS B 75 14.40 5.13 -9.79
N PHE B 76 13.93 5.58 -8.67
CA PHE B 76 13.64 7.03 -8.50
C PHE B 76 14.10 7.51 -7.16
N GLU B 77 14.14 8.80 -7.07
CA GLU B 77 14.55 9.51 -5.83
C GLU B 77 13.20 10.14 -5.43
N VAL B 78 13.14 10.64 -4.23
CA VAL B 78 11.91 11.28 -3.68
C VAL B 78 12.12 12.80 -3.77
N GLU B 79 11.41 13.43 -4.67
CA GLU B 79 11.53 14.90 -4.86
C GLU B 79 10.76 15.57 -3.74
N ASN B 80 9.60 15.05 -3.44
CA ASN B 80 8.76 15.64 -2.34
C ASN B 80 8.24 14.51 -1.50
N LEU B 81 8.18 14.70 -0.22
CA LEU B 81 7.69 13.67 0.75
C LEU B 81 6.61 14.42 1.54
N ILE B 82 5.38 14.16 1.25
CA ILE B 82 4.26 14.84 1.96
C ILE B 82 3.64 13.89 2.95
N LEU B 83 3.84 14.19 4.20
CA LEU B 83 3.27 13.33 5.27
C LEU B 83 2.01 14.07 5.68
N HIS B 84 1.10 13.37 6.29
CA HIS B 84 -0.16 14.06 6.68
C HIS B 84 0.11 14.75 7.99
N LYS B 85 -0.47 15.89 8.09
CA LYS B 85 -0.33 16.71 9.32
C LYS B 85 -1.54 16.16 10.06
N ASP B 86 -1.44 16.03 11.34
CA ASP B 86 -2.56 15.50 12.17
C ASP B 86 -2.52 13.98 11.97
N TYR B 87 -1.34 13.44 11.91
CA TYR B 87 -1.17 11.96 11.73
C TYR B 87 -1.09 11.59 13.23
N SER B 88 -1.60 10.47 13.65
CA SER B 88 -1.48 10.15 15.10
C SER B 88 -1.35 8.64 15.22
N ALA B 89 -0.54 8.18 16.13
CA ALA B 89 -0.33 6.72 16.34
C ALA B 89 -0.72 6.51 17.80
N ASP B 90 -1.58 5.59 18.03
CA ASP B 90 -2.03 5.28 19.42
C ASP B 90 -1.83 3.80 19.60
N THR B 91 -2.46 3.26 20.59
CA THR B 91 -2.33 1.82 20.87
C THR B 91 -3.12 1.04 19.79
N LEU B 92 -2.44 0.85 18.68
CA LEU B 92 -2.91 0.11 17.46
C LEU B 92 -3.14 0.95 16.25
N ALA B 93 -4.00 1.91 16.38
CA ALA B 93 -4.29 2.76 15.20
C ALA B 93 -3.35 3.88 14.86
N HIS B 94 -3.45 4.16 13.59
CA HIS B 94 -2.66 5.22 12.91
C HIS B 94 -3.84 6.01 12.32
N HIS B 95 -3.91 7.27 12.58
CA HIS B 95 -5.02 8.09 12.03
C HIS B 95 -4.38 8.90 10.90
N ASN B 96 -5.17 9.21 9.90
CA ASN B 96 -4.71 10.00 8.70
C ASN B 96 -3.36 9.46 8.26
N ASP B 97 -3.34 8.17 8.08
CA ASP B 97 -2.09 7.47 7.67
C ASP B 97 -1.96 7.33 6.17
N ILE B 98 -1.73 8.42 5.52
CA ILE B 98 -1.56 8.41 4.05
C ILE B 98 -0.38 9.35 3.80
N ALA B 99 0.41 9.10 2.80
CA ALA B 99 1.59 9.96 2.48
C ALA B 99 1.72 9.95 0.97
N LEU B 100 2.36 10.96 0.44
CA LEU B 100 2.56 11.09 -1.03
C LEU B 100 4.06 11.33 -1.26
N LEU B 101 4.59 10.71 -2.27
CA LEU B 101 6.03 10.87 -2.59
C LEU B 101 6.03 11.30 -4.05
N LYS B 102 6.73 12.35 -4.39
CA LYS B 102 6.76 12.77 -5.82
C LYS B 102 8.10 12.14 -6.18
N ILE B 103 8.16 11.40 -7.24
CA ILE B 103 9.43 10.74 -7.63
C ILE B 103 10.07 11.37 -8.85
N ARG B 104 11.38 11.21 -8.97
CA ARG B 104 12.15 11.77 -10.13
C ARG B 104 13.31 10.77 -10.41
N SER B 105 13.62 10.41 -11.63
CA SER B 105 14.74 9.45 -11.87
C SER B 105 16.01 10.27 -12.00
N LYS B 106 17.15 9.63 -12.10
CA LYS B 106 18.42 10.39 -12.22
C LYS B 106 18.49 11.14 -13.53
N GLU B 107 17.57 10.86 -14.42
CA GLU B 107 17.55 11.54 -15.73
C GLU B 107 16.56 12.72 -15.59
N GLY B 108 15.75 12.70 -14.57
CA GLY B 108 14.78 13.81 -14.35
C GLY B 108 13.40 13.51 -14.82
N ARG B 109 13.05 12.26 -14.97
CA ARG B 109 11.66 12.00 -15.45
C ARG B 109 10.90 11.24 -14.38
N CYS B 110 9.65 11.09 -14.65
CA CYS B 110 8.76 10.37 -13.74
C CYS B 110 8.56 8.99 -14.37
N ALA B 111 7.63 8.22 -13.89
CA ALA B 111 7.41 6.86 -14.46
C ALA B 111 6.99 6.83 -15.93
N GLN B 112 7.33 5.77 -16.62
CA GLN B 112 6.99 5.62 -18.07
C GLN B 112 6.14 4.33 -18.08
N PRO B 113 5.09 4.27 -18.87
CA PRO B 113 4.20 3.08 -18.87
C PRO B 113 4.82 1.84 -19.55
N SER B 114 4.76 0.70 -18.92
CA SER B 114 5.33 -0.54 -19.53
C SER B 114 4.38 -1.68 -19.16
N ARG B 115 4.74 -2.91 -19.42
CA ARG B 115 3.80 -4.01 -19.04
C ARG B 115 4.03 -4.29 -17.57
N THR B 116 4.97 -3.61 -16.96
CA THR B 116 5.21 -3.84 -15.52
C THR B 116 4.99 -2.55 -14.75
N ILE B 117 4.70 -1.45 -15.43
CA ILE B 117 4.47 -0.16 -14.71
C ILE B 117 3.18 0.47 -15.26
N GLN B 118 2.21 0.60 -14.40
CA GLN B 118 0.86 1.19 -14.75
C GLN B 118 0.39 1.96 -13.50
N THR B 119 -0.61 2.80 -13.62
CA THR B 119 -1.13 3.56 -12.44
C THR B 119 -2.40 2.80 -11.95
N ILE B 120 -2.88 3.14 -10.79
CA ILE B 120 -4.10 2.47 -10.28
C ILE B 120 -5.10 3.65 -10.24
N CYS B 121 -6.36 3.34 -10.28
CA CYS B 121 -7.40 4.41 -10.27
C CYS B 121 -7.79 4.84 -8.87
N LEU B 122 -8.21 6.07 -8.77
CA LEU B 122 -8.63 6.58 -7.44
C LEU B 122 -10.15 6.49 -7.47
N PRO B 123 -10.75 6.35 -6.33
CA PRO B 123 -12.22 6.34 -6.21
C PRO B 123 -12.78 7.75 -6.37
N SER B 124 -14.08 7.83 -6.42
CA SER B 124 -14.74 9.15 -6.56
C SER B 124 -14.97 9.53 -5.09
N MET B 125 -15.30 10.78 -4.90
CA MET B 125 -15.57 11.32 -3.54
C MET B 125 -16.42 10.36 -2.72
N TYR B 126 -15.85 10.04 -1.59
CA TYR B 126 -16.44 9.13 -0.57
C TYR B 126 -17.15 7.93 -1.21
N ASN B 127 -16.63 7.41 -2.28
CA ASN B 127 -17.30 6.23 -2.94
C ASN B 127 -16.46 4.97 -2.65
N ASP B 128 -17.10 4.01 -2.06
CA ASP B 128 -16.46 2.71 -1.68
C ASP B 128 -17.26 1.53 -2.22
N PRO B 129 -16.64 0.38 -2.38
CA PRO B 129 -17.39 -0.87 -2.64
C PRO B 129 -18.21 -1.21 -1.36
N GLN B 130 -19.14 -2.13 -1.47
CA GLN B 130 -19.95 -2.49 -0.27
C GLN B 130 -19.22 -3.66 0.37
N PHE B 131 -19.49 -3.86 1.64
CA PHE B 131 -18.84 -4.97 2.39
C PHE B 131 -19.17 -6.24 1.60
N GLY B 132 -18.29 -7.19 1.64
CA GLY B 132 -18.54 -8.45 0.89
C GLY B 132 -17.58 -8.46 -0.28
N THR B 133 -17.47 -7.34 -0.95
CA THR B 133 -16.56 -7.23 -2.12
C THR B 133 -15.16 -7.85 -1.82
N SER B 134 -14.62 -8.59 -2.77
CA SER B 134 -13.29 -9.23 -2.58
C SER B 134 -12.29 -8.21 -3.15
N CYS B 135 -11.22 -7.98 -2.46
CA CYS B 135 -10.20 -7.02 -2.93
C CYS B 135 -8.88 -7.73 -2.77
N GLU B 136 -7.89 -7.25 -3.45
CA GLU B 136 -6.57 -7.92 -3.32
C GLU B 136 -5.59 -6.96 -2.71
N ILE B 137 -4.62 -7.53 -2.05
CA ILE B 137 -3.56 -6.75 -1.39
C ILE B 137 -2.31 -7.41 -1.95
N THR B 138 -1.28 -6.62 -2.03
CA THR B 138 -0.01 -7.12 -2.56
C THR B 138 1.17 -6.53 -1.72
N GLY B 139 2.28 -7.23 -1.69
CA GLY B 139 3.44 -6.73 -0.92
C GLY B 139 4.52 -7.77 -0.64
N PHE B 140 5.60 -7.28 -0.08
CA PHE B 140 6.80 -8.08 0.29
C PHE B 140 6.88 -8.20 1.82
N GLY B 141 5.78 -8.05 2.49
CA GLY B 141 5.84 -8.14 3.97
C GLY B 141 5.98 -9.56 4.46
N LYS B 142 6.12 -9.68 5.76
CA LYS B 142 6.28 -10.99 6.41
C LYS B 142 5.24 -12.00 5.95
N GLU B 143 5.65 -13.24 6.02
CA GLU B 143 4.79 -14.40 5.64
C GLU B 143 4.27 -15.07 6.92
N ALA B 144 4.83 -14.73 8.04
CA ALA B 144 4.43 -15.26 9.38
C ALA B 144 4.90 -14.17 10.33
N SER B 145 4.12 -13.82 11.32
CA SER B 145 4.56 -12.73 12.24
C SER B 145 5.85 -13.05 13.01
N THR B 146 6.23 -14.29 13.10
CA THR B 146 7.47 -14.66 13.83
C THR B 146 8.70 -14.56 12.93
N ASP B 147 8.46 -14.28 11.68
CA ASP B 147 9.63 -14.17 10.79
C ASP B 147 10.30 -12.85 11.11
N TYR B 148 11.57 -12.78 10.87
CA TYR B 148 12.31 -11.53 11.14
C TYR B 148 12.92 -11.04 9.80
N LEU B 149 12.57 -11.72 8.72
CA LEU B 149 13.03 -11.40 7.32
C LEU B 149 11.78 -11.34 6.42
N TYR B 150 11.97 -10.75 5.28
CA TYR B 150 10.87 -10.63 4.28
C TYR B 150 11.16 -11.58 3.12
N PRO B 151 10.13 -11.99 2.43
CA PRO B 151 10.26 -12.83 1.21
C PRO B 151 10.97 -12.04 0.11
N GLU B 152 11.53 -12.79 -0.78
CA GLU B 152 12.27 -12.18 -1.92
C GLU B 152 11.32 -12.05 -3.07
N GLN B 153 10.28 -12.85 -3.10
CA GLN B 153 9.30 -12.77 -4.25
C GLN B 153 8.04 -12.03 -3.76
N LEU B 154 7.46 -11.28 -4.67
CA LEU B 154 6.22 -10.50 -4.35
C LEU B 154 5.04 -11.45 -4.18
N LYS B 155 4.16 -11.09 -3.29
CA LYS B 155 2.95 -11.92 -3.02
C LYS B 155 1.70 -11.06 -3.14
N MET B 156 0.63 -11.78 -3.29
CA MET B 156 -0.72 -11.17 -3.43
C MET B 156 -1.71 -12.13 -2.80
N THR B 157 -2.83 -11.63 -2.36
CA THR B 157 -3.86 -12.52 -1.75
C THR B 157 -5.19 -11.73 -1.90
N VAL B 158 -6.26 -12.37 -1.56
CA VAL B 158 -7.59 -11.72 -1.67
C VAL B 158 -8.21 -11.77 -0.29
N VAL B 159 -8.82 -10.67 0.04
CA VAL B 159 -9.49 -10.50 1.35
C VAL B 159 -10.86 -9.87 1.02
N LYS B 160 -11.75 -9.84 1.97
CA LYS B 160 -13.10 -9.23 1.70
C LYS B 160 -13.27 -8.03 2.63
N LEU B 161 -14.06 -7.12 2.18
CA LEU B 161 -14.32 -5.90 3.01
C LEU B 161 -15.40 -6.30 4.02
N ILE B 162 -15.31 -5.82 5.23
CA ILE B 162 -16.34 -6.17 6.25
C ILE B 162 -16.93 -4.81 6.66
N SER B 163 -18.02 -4.77 7.37
CA SER B 163 -18.59 -3.44 7.75
C SER B 163 -17.87 -2.83 8.94
N HIS B 164 -18.13 -1.58 9.24
CA HIS B 164 -17.47 -0.91 10.39
C HIS B 164 -18.21 -1.48 11.56
N ARG B 165 -19.50 -1.63 11.39
CA ARG B 165 -20.34 -2.21 12.47
C ARG B 165 -19.66 -3.52 12.96
N GLU B 166 -19.28 -4.35 12.02
CA GLU B 166 -18.63 -5.62 12.41
C GLU B 166 -17.22 -5.39 12.96
N CYS B 167 -16.48 -4.47 12.40
CA CYS B 167 -15.09 -4.22 12.90
C CYS B 167 -15.02 -3.48 14.21
N GLN B 168 -16.06 -2.74 14.51
CA GLN B 168 -16.07 -1.97 15.77
C GLN B 168 -16.76 -2.77 16.86
N GLN B 169 -16.79 -4.05 16.66
CA GLN B 169 -17.44 -4.89 17.69
C GLN B 169 -16.39 -4.88 18.79
N PRO B 170 -16.83 -4.88 20.03
CA PRO B 170 -15.92 -4.71 21.19
C PRO B 170 -14.74 -5.66 21.16
N HIS B 171 -14.98 -6.83 20.62
CA HIS B 171 -13.91 -7.85 20.55
C HIS B 171 -13.18 -7.93 19.22
N TYR B 172 -13.27 -6.88 18.47
CA TYR B 172 -12.58 -6.77 17.15
C TYR B 172 -11.70 -5.58 17.52
N TYR B 173 -12.05 -4.38 17.12
CA TYR B 173 -11.18 -3.20 17.48
C TYR B 173 -11.92 -2.10 18.23
N GLY B 174 -13.18 -2.30 18.50
CA GLY B 174 -13.92 -1.25 19.24
C GLY B 174 -13.90 0.03 18.42
N SER B 175 -13.87 1.15 19.09
CA SER B 175 -13.86 2.45 18.35
C SER B 175 -12.46 2.93 17.96
N GLU B 176 -11.59 1.99 17.72
CA GLU B 176 -10.19 2.33 17.33
C GLU B 176 -10.24 2.51 15.81
N VAL B 177 -11.29 1.99 15.24
CA VAL B 177 -11.52 2.06 13.78
C VAL B 177 -12.53 3.21 13.64
N THR B 178 -12.26 4.09 12.72
CA THR B 178 -13.15 5.27 12.46
C THR B 178 -13.69 5.20 11.01
N THR B 179 -14.53 6.12 10.67
CA THR B 179 -15.16 6.19 9.32
C THR B 179 -14.09 6.46 8.23
N LYS B 180 -12.92 6.80 8.69
CA LYS B 180 -11.81 7.09 7.73
C LYS B 180 -10.94 5.86 7.52
N MET B 181 -11.43 4.74 7.98
CA MET B 181 -10.72 3.45 7.85
C MET B 181 -11.74 2.46 7.26
N LEU B 182 -11.17 1.37 6.81
CA LEU B 182 -11.92 0.23 6.19
C LEU B 182 -11.21 -0.98 6.78
N CYS B 183 -11.97 -2.02 7.01
CA CYS B 183 -11.39 -3.27 7.58
C CYS B 183 -11.60 -4.33 6.51
N ALA B 184 -10.66 -5.23 6.35
CA ALA B 184 -10.83 -6.30 5.32
C ALA B 184 -10.32 -7.58 5.94
N ALA B 185 -11.02 -8.69 5.81
CA ALA B 185 -10.51 -9.96 6.41
C ALA B 185 -10.81 -11.14 5.50
N ASP B 186 -10.21 -12.24 5.82
CA ASP B 186 -10.39 -13.49 5.05
C ASP B 186 -11.47 -14.18 5.84
N PRO B 187 -12.55 -14.59 5.23
CA PRO B 187 -13.63 -15.37 5.90
C PRO B 187 -13.13 -16.40 6.90
N GLN B 188 -12.08 -17.06 6.51
CA GLN B 188 -11.49 -18.13 7.37
C GLN B 188 -10.16 -17.67 8.01
N TRP B 189 -10.04 -16.39 8.20
CA TRP B 189 -8.83 -15.74 8.79
C TRP B 189 -7.51 -16.51 8.48
N LYS B 190 -7.33 -16.82 7.22
CA LYS B 190 -6.10 -17.55 6.81
C LYS B 190 -5.07 -16.64 6.20
N THR B 191 -5.49 -15.74 5.36
CA THR B 191 -4.51 -14.81 4.72
C THR B 191 -4.76 -13.37 5.21
N ASP B 192 -3.79 -12.53 5.05
CA ASP B 192 -3.92 -11.10 5.50
C ASP B 192 -2.60 -10.38 5.20
N SER B 193 -2.59 -9.11 5.49
CA SER B 193 -1.40 -8.28 5.29
C SER B 193 -0.66 -8.44 6.63
N CYS B 194 0.56 -8.00 6.66
CA CYS B 194 1.37 -8.10 7.88
C CYS B 194 2.42 -6.98 7.77
N GLN B 195 3.27 -7.02 8.74
CA GLN B 195 4.38 -6.07 8.90
C GLN B 195 5.22 -6.16 7.59
N GLY B 196 5.50 -5.03 7.01
CA GLY B 196 6.31 -4.96 5.75
C GLY B 196 5.36 -4.64 4.59
N ASP B 197 4.09 -4.87 4.78
CA ASP B 197 3.07 -4.61 3.71
C ASP B 197 2.46 -3.22 3.81
N SER B 198 2.70 -2.55 4.93
CA SER B 198 2.17 -1.17 5.17
C SER B 198 2.44 -0.28 3.95
N GLY B 199 1.53 0.60 3.63
CA GLY B 199 1.78 1.49 2.46
C GLY B 199 1.24 0.94 1.16
N GLY B 200 1.22 -0.36 1.03
CA GLY B 200 0.71 -0.98 -0.22
C GLY B 200 -0.83 -0.89 -0.36
N PRO B 201 -1.31 -1.33 -1.50
CA PRO B 201 -2.72 -1.12 -1.88
C PRO B 201 -3.68 -2.28 -1.60
N LEU B 202 -4.91 -1.88 -1.49
CA LEU B 202 -6.09 -2.76 -1.24
C LEU B 202 -6.82 -2.30 -2.52
N VAL B 203 -6.84 -3.13 -3.52
CA VAL B 203 -7.52 -2.77 -4.80
C VAL B 203 -8.81 -3.56 -4.95
N CYS B 204 -9.84 -2.88 -5.34
CA CYS B 204 -11.17 -3.53 -5.54
C CYS B 204 -11.76 -3.03 -6.83
N SER B 205 -12.78 -3.65 -7.30
CA SER B 205 -13.35 -3.14 -8.55
C SER B 205 -14.47 -2.19 -8.12
N LEU B 206 -14.51 -1.03 -8.74
CA LEU B 206 -15.54 0.00 -8.44
C LEU B 206 -15.93 0.60 -9.77
N GLN B 207 -17.20 0.73 -9.98
CA GLN B 207 -17.70 1.32 -11.25
C GLN B 207 -16.99 0.74 -12.48
N GLY B 208 -16.73 -0.53 -12.42
CA GLY B 208 -16.06 -1.20 -13.58
C GLY B 208 -14.53 -1.01 -13.69
N ARG B 209 -13.90 -0.38 -12.73
CA ARG B 209 -12.41 -0.16 -12.77
C ARG B 209 -11.77 -0.88 -11.58
N MET B 210 -10.47 -0.87 -11.51
CA MET B 210 -9.72 -1.52 -10.40
C MET B 210 -9.33 -0.22 -9.75
N THR B 211 -9.77 -0.04 -8.55
CA THR B 211 -9.49 1.19 -7.77
C THR B 211 -8.70 0.94 -6.49
N LEU B 212 -8.01 1.97 -6.06
CA LEU B 212 -7.19 1.86 -4.82
C LEU B 212 -8.26 2.22 -3.79
N THR B 213 -8.74 1.25 -3.07
CA THR B 213 -9.77 1.52 -2.06
C THR B 213 -9.06 1.78 -0.73
N GLY B 214 -7.99 1.08 -0.43
CA GLY B 214 -7.34 1.37 0.87
C GLY B 214 -5.85 1.21 0.84
N ILE B 215 -5.22 1.68 1.88
CA ILE B 215 -3.74 1.61 2.01
C ILE B 215 -3.53 0.75 3.28
N VAL B 216 -2.69 -0.24 3.18
CA VAL B 216 -2.40 -1.14 4.34
C VAL B 216 -1.91 -0.20 5.48
N SER B 217 -2.60 -0.14 6.59
CA SER B 217 -2.19 0.75 7.73
C SER B 217 -1.79 0.00 9.03
N TRP B 218 -2.68 -0.71 9.69
CA TRP B 218 -2.33 -1.43 10.95
C TRP B 218 -3.20 -2.67 11.18
N GLY B 219 -2.96 -3.34 12.26
CA GLY B 219 -3.75 -4.55 12.59
C GLY B 219 -3.10 -5.23 13.80
N ARG B 220 -3.84 -6.02 14.52
CA ARG B 220 -3.24 -6.71 15.71
C ARG B 220 -2.85 -8.07 15.14
N GLY B 221 -1.58 -8.32 15.24
CA GLY B 221 -1.04 -9.60 14.72
C GLY B 221 -1.27 -9.58 13.21
N CYS B 222 -1.19 -10.73 12.64
CA CYS B 222 -1.38 -10.93 11.19
C CYS B 222 -2.21 -12.18 11.06
N ALA B 223 -3.28 -12.06 10.34
CA ALA B 223 -4.25 -13.17 10.07
C ALA B 223 -4.76 -13.77 11.40
N LEU B 224 -5.14 -12.92 12.32
CA LEU B 224 -5.65 -13.46 13.62
C LEU B 224 -7.16 -13.35 13.51
N LYS B 225 -7.83 -14.19 14.25
CA LYS B 225 -9.32 -14.19 14.22
C LYS B 225 -9.82 -12.98 14.98
N ASP B 226 -10.80 -12.34 14.41
CA ASP B 226 -11.45 -11.13 14.98
C ASP B 226 -10.55 -9.93 14.92
N LYS B 227 -9.43 -10.07 14.26
CA LYS B 227 -8.48 -8.92 14.14
C LYS B 227 -8.21 -8.72 12.65
N PRO B 228 -9.08 -7.97 12.02
CA PRO B 228 -8.99 -7.68 10.56
C PRO B 228 -7.81 -6.77 10.30
N GLY B 229 -7.58 -6.51 9.05
CA GLY B 229 -6.45 -5.61 8.72
C GLY B 229 -7.23 -4.31 8.58
N VAL B 230 -6.62 -3.22 8.95
CA VAL B 230 -7.30 -1.90 8.85
C VAL B 230 -6.50 -1.17 7.78
N TYR B 231 -7.23 -0.49 6.93
CA TYR B 231 -6.62 0.27 5.82
C TYR B 231 -7.12 1.70 5.89
N THR B 232 -6.35 2.59 5.34
CA THR B 232 -6.74 4.04 5.33
C THR B 232 -7.82 4.06 4.20
N ARG B 233 -8.90 4.75 4.45
CA ARG B 233 -10.02 4.84 3.48
C ARG B 233 -9.75 5.97 2.52
N VAL B 234 -9.03 5.63 1.49
CA VAL B 234 -8.65 6.57 0.41
C VAL B 234 -9.79 7.51 -0.06
N SER B 235 -10.95 6.97 -0.28
CA SER B 235 -12.15 7.75 -0.73
C SER B 235 -12.45 8.99 0.12
N HIS B 236 -11.97 8.95 1.34
CA HIS B 236 -12.22 10.09 2.27
C HIS B 236 -11.04 11.03 2.32
N PHE B 237 -10.05 10.82 1.51
CA PHE B 237 -8.86 11.71 1.52
C PHE B 237 -8.67 12.38 0.17
N LEU B 238 -9.61 12.16 -0.69
CA LEU B 238 -9.52 12.77 -2.04
C LEU B 238 -9.16 14.26 -2.01
N PRO B 239 -9.84 15.09 -1.26
CA PRO B 239 -9.47 16.54 -1.16
C PRO B 239 -7.98 16.72 -0.81
N TRP B 240 -7.58 16.00 0.20
CA TRP B 240 -6.17 16.08 0.65
C TRP B 240 -5.23 15.72 -0.49
N ILE B 241 -5.53 14.63 -1.13
CA ILE B 241 -4.64 14.22 -2.26
C ILE B 241 -4.63 15.37 -3.29
N ARG B 242 -5.80 15.70 -3.74
CA ARG B 242 -5.94 16.79 -4.74
C ARG B 242 -5.13 18.05 -4.39
N SER B 243 -5.23 18.59 -3.21
CA SER B 243 -4.41 19.82 -2.97
C SER B 243 -2.89 19.64 -3.17
N HIS B 244 -2.41 18.44 -3.36
CA HIS B 244 -0.94 18.23 -3.55
C HIS B 244 -0.70 17.54 -4.89
N THR B 245 -1.54 17.73 -5.86
CA THR B 245 -1.31 17.06 -7.18
C THR B 245 -1.48 18.14 -8.27
C1 120 C . -1.27 -5.73 9.59
C2 120 C . -0.93 -4.70 8.67
C3 120 C . 0.21 -3.92 8.81
C4 120 C . 1.03 -4.17 9.88
C5 120 C . 0.78 -5.13 10.78
C6 120 C . -0.36 -5.92 10.67
C7 120 C . -2.42 -6.52 9.44
N1 120 C . -2.78 -7.33 10.39
N2 120 C . -3.12 -6.44 8.33
N3 120 C . 2.14 -3.64 10.26
N4 120 C . 1.68 -5.21 11.72
C8 120 C . 2.52 -4.25 11.35
C1' 120 C . 3.69 -3.90 12.06
C2' 120 C . 4.15 -4.74 13.07
C3' 120 C . 5.27 -4.40 13.77
C4' 120 C . 5.97 -3.24 13.49
N5' 120 C . 5.52 -2.45 12.53
C6' 120 C . 4.43 -2.72 11.82
O6' 120 C . 4.07 -1.94 10.97
HC2 120 C . -1.58 -4.51 7.82
HC3 120 C . 0.45 -3.15 8.09
HC6 120 C . -0.54 -6.68 11.42
HH11 120 C . -2.20 -7.43 11.21
HH12 120 C . -3.58 -7.93 10.36
HH21 120 C . -2.86 -5.81 7.59
HH22 120 C . -3.94 -6.98 8.15
HN3 120 C . 2.63 -2.91 9.83
HC2' 120 C . 3.61 -5.65 13.31
HC3' 120 C . 5.63 -5.06 14.56
HC4' 120 C . 6.85 -2.98 14.04
HN5' 120 C . 6.03 -1.63 12.33
C1 CIT D . 20.55 0.11 -8.89
O1 CIT D . 20.85 1.04 -8.15
O2 CIT D . 19.40 -0.20 -9.17
C2 CIT D . 21.68 -0.76 -9.53
C3 CIT D . 23.17 -0.15 -9.62
O7 CIT D . 22.96 1.21 -9.95
C4 CIT D . 23.97 -0.82 -10.82
C5 CIT D . 25.48 -0.46 -10.88
O3 CIT D . 25.91 0.25 -11.77
O4 CIT D . 26.20 -0.92 -10.02
C6 CIT D . 23.95 -0.15 -8.27
O5 CIT D . 23.82 -1.12 -7.54
O6 CIT D . 24.65 0.84 -8.04
H21 CIT D . 21.72 -1.70 -9.00
H22 CIT D . 21.37 -0.97 -10.55
HO7 CIT D . 22.81 1.47 -9.02
H41 CIT D . 23.89 -1.89 -10.74
H42 CIT D . 23.51 -0.52 -11.76
C1 CIT E . 23.74 3.99 -5.94
O1 CIT E . 22.53 4.03 -5.75
O2 CIT E . 24.53 3.50 -5.15
C2 CIT E . 24.30 4.62 -7.27
C3 CIT E . 23.92 3.85 -8.66
O7 CIT E . 23.33 2.64 -8.19
C4 CIT E . 25.17 3.31 -9.47
C5 CIT E . 26.50 4.12 -9.39
O3 CIT E . 27.31 3.77 -8.56
O4 CIT E . 26.69 5.06 -10.17
C6 CIT E . 22.87 4.61 -9.59
O5 CIT E . 22.98 5.79 -9.87
O6 CIT E . 21.93 3.96 -10.04
H21 CIT E . 23.95 5.65 -7.33
H22 CIT E . 25.37 4.67 -7.18
HO7 CIT E . 22.87 2.98 -7.43
H41 CIT E . 25.39 2.31 -9.10
H42 CIT E . 24.89 3.20 -10.51
#